data_3MHY
#
_entry.id   3MHY
#
_cell.length_a   64.980
_cell.length_b   87.950
_cell.length_c   116.880
_cell.angle_alpha   90.00
_cell.angle_beta   90.00
_cell.angle_gamma   90.00
#
_symmetry.space_group_name_H-M   'C 2 2 21'
#
loop_
_entity.id
_entity.type
_entity.pdbx_description
1 polymer 'PII-like protein Pz'
2 non-polymer 1-(2-METHOXY-ETHOXY)-2-{2-[2-(2-METHOXY-ETHOXY]-ETHOXY}-ETHANE
3 non-polymer "ADENOSINE-5'-TRIPHOSPHATE"
4 non-polymer '2-OXOGLUTARIC ACID'
5 non-polymer 'MAGNESIUM ION'
6 non-polymer '2-(N-MORPHOLINO)-ETHANESULFONIC ACID'
7 water water
#
_entity_poly.entity_id   1
_entity_poly.type   'polypeptide(L)'
_entity_poly.pdbx_seq_one_letter_code
;MKLVMAIIKPFKLDEVREALTSLGIQGLTVSEVKGFGRQKGQTEIYRGAEYSVSFLPKVKVEVAVSDDQYEQVVEAIQKA
ANTGRIGDGKIFVLDIAQAVRIRTGETNTEAL
;
_entity_poly.pdbx_strand_id   A,B,C
#
# COMPACT_ATOMS: atom_id res chain seq x y z
N MET A 1 14.01 0.37 -9.77
CA MET A 1 12.64 -0.23 -9.78
C MET A 1 11.63 0.72 -9.17
N LYS A 2 10.39 0.61 -9.64
CA LYS A 2 9.32 1.51 -9.27
C LYS A 2 8.05 0.73 -8.95
N LEU A 3 7.30 1.25 -7.98
CA LEU A 3 5.94 0.80 -7.74
C LEU A 3 5.02 1.85 -8.33
N VAL A 4 4.36 1.48 -9.42
CA VAL A 4 3.40 2.38 -10.03
C VAL A 4 2.04 2.09 -9.41
N MET A 5 1.53 3.09 -8.71
CA MET A 5 0.24 2.97 -8.04
CA MET A 5 0.24 2.99 -8.02
C MET A 5 -0.76 3.89 -8.72
N ALA A 6 -1.91 3.34 -9.11
CA ALA A 6 -2.93 4.13 -9.76
C ALA A 6 -4.26 3.93 -9.07
N ILE A 7 -4.99 5.02 -8.87
CA ILE A 7 -6.34 4.96 -8.35
C ILE A 7 -7.26 5.24 -9.52
N ILE A 8 -8.07 4.26 -9.89
CA ILE A 8 -8.90 4.35 -11.09
C ILE A 8 -10.36 4.06 -10.78
N LYS A 9 -11.22 4.37 -11.74
CA LYS A 9 -12.63 4.04 -11.62
C LYS A 9 -12.77 2.53 -11.73
N PRO A 10 -13.63 1.94 -10.90
CA PRO A 10 -13.70 0.48 -10.85
C PRO A 10 -13.97 -0.16 -12.20
N PHE A 11 -14.78 0.46 -13.05
CA PHE A 11 -15.13 -0.15 -14.33
C PHE A 11 -13.98 -0.12 -15.35
N LYS A 12 -12.87 0.52 -14.99
CA LYS A 12 -11.72 0.61 -15.89
C LYS A 12 -10.69 -0.49 -15.63
N LEU A 13 -10.93 -1.33 -14.63
CA LEU A 13 -9.94 -2.31 -14.24
C LEU A 13 -9.58 -3.29 -15.38
N ASP A 14 -10.57 -3.80 -16.09
CA ASP A 14 -10.31 -4.74 -17.17
C ASP A 14 -9.44 -4.16 -18.28
N GLU A 15 -9.71 -2.91 -18.65
CA GLU A 15 -8.94 -2.28 -19.72
C GLU A 15 -7.52 -1.96 -19.27
N VAL A 16 -7.38 -1.50 -18.04
CA VAL A 16 -6.06 -1.23 -17.49
C VAL A 16 -5.27 -2.53 -17.41
N ARG A 17 -5.92 -3.59 -16.97
CA ARG A 17 -5.28 -4.89 -16.86
C ARG A 17 -4.81 -5.33 -18.24
N GLU A 18 -5.69 -5.25 -19.23
CA GLU A 18 -5.37 -5.72 -20.57
C GLU A 18 -4.25 -4.87 -21.19
N ALA A 19 -4.27 -3.57 -20.94
CA ALA A 19 -3.24 -2.69 -21.47
C ALA A 19 -1.89 -3.13 -20.93
N LEU A 20 -1.85 -3.46 -19.65
CA LEU A 20 -0.61 -3.85 -19.01
C LEU A 20 -0.14 -5.24 -19.45
N THR A 21 -1.03 -6.22 -19.52
CA THR A 21 -0.60 -7.57 -19.90
C THR A 21 -0.21 -7.63 -21.37
N SER A 22 -0.88 -6.86 -22.20
CA SER A 22 -0.53 -6.81 -23.62
C SER A 22 0.82 -6.13 -23.81
N LEU A 23 1.14 -5.19 -22.92
CA LEU A 23 2.42 -4.51 -22.94
C LEU A 23 3.53 -5.46 -22.52
N GLY A 24 3.19 -6.47 -21.71
CA GLY A 24 4.14 -7.48 -21.30
C GLY A 24 4.36 -7.57 -19.80
N ILE A 25 3.54 -6.85 -19.03
CA ILE A 25 3.62 -6.90 -17.58
C ILE A 25 3.18 -8.28 -17.09
N GLN A 26 3.89 -8.81 -16.11
CA GLN A 26 3.68 -10.17 -15.67
C GLN A 26 3.34 -10.27 -14.19
N GLY A 27 2.73 -9.23 -13.65
CA GLY A 27 2.26 -9.24 -12.29
C GLY A 27 1.49 -7.98 -11.99
N LEU A 28 0.52 -8.07 -11.09
CA LEU A 28 -0.37 -6.95 -10.79
C LEU A 28 -1.09 -7.21 -9.48
N THR A 29 -1.23 -6.17 -8.67
CA THR A 29 -1.98 -6.25 -7.41
C THR A 29 -3.07 -5.19 -7.40
N VAL A 30 -4.27 -5.55 -6.96
CA VAL A 30 -5.38 -4.62 -6.94
C VAL A 30 -6.12 -4.66 -5.61
N SER A 31 -6.61 -3.49 -5.19
CA SER A 31 -7.23 -3.30 -3.89
C SER A 31 -8.49 -2.46 -4.04
N GLU A 32 -9.46 -2.67 -3.18
CA GLU A 32 -10.64 -1.82 -3.12
C GLU A 32 -10.36 -0.67 -2.17
N VAL A 33 -10.61 0.54 -2.62
CA VAL A 33 -10.43 1.72 -1.79
C VAL A 33 -11.60 2.68 -2.02
N LYS A 34 -11.63 3.77 -1.26
CA LYS A 34 -12.56 4.85 -1.52
C LYS A 34 -11.76 6.14 -1.51
N GLY A 35 -12.32 7.21 -2.05
CA GLY A 35 -11.58 8.45 -2.09
C GLY A 35 -12.35 9.63 -2.58
N PHE A 36 -11.71 10.80 -2.54
CA PHE A 36 -12.19 11.96 -3.27
C PHE A 36 -11.00 12.75 -3.76
N GLY A 37 -11.24 13.62 -4.74
CA GLY A 37 -10.22 14.49 -5.29
C GLY A 37 -10.64 15.94 -5.11
N ARG A 38 -10.33 16.78 -6.10
CA ARG A 38 -10.59 18.21 -6.03
C ARG A 38 -12.08 18.55 -5.89
N GLN A 39 -12.94 17.68 -6.39
CA GLN A 39 -14.38 17.95 -6.38
C GLN A 39 -15.07 17.40 -5.13
N LYS A 40 -14.29 16.80 -4.23
CA LYS A 40 -14.78 16.40 -2.91
C LYS A 40 -15.93 15.40 -2.97
N GLY A 41 -15.90 14.52 -3.97
CA GLY A 41 -16.85 13.44 -4.08
C GLY A 41 -18.14 13.84 -4.75
N GLN A 42 -18.17 15.06 -5.29
CA GLN A 42 -19.38 15.60 -5.89
C GLN A 42 -19.37 15.44 -7.41
N THR A 43 -20.51 15.05 -7.97
CA THR A 43 -20.63 14.87 -9.41
C THR A 43 -20.33 16.16 -10.17
N VAL A 53 -18.73 16.49 1.98
CA VAL A 53 -17.72 15.67 1.32
C VAL A 53 -18.08 14.20 1.42
N SER A 54 -17.95 13.48 0.30
CA SER A 54 -18.27 12.07 0.26
C SER A 54 -17.12 11.25 -0.31
N PHE A 55 -17.07 9.99 0.09
CA PHE A 55 -16.10 9.04 -0.46
C PHE A 55 -16.74 8.26 -1.59
N LEU A 56 -15.98 8.01 -2.65
CA LEU A 56 -16.46 7.25 -3.79
C LEU A 56 -15.59 6.01 -4.00
N PRO A 57 -16.20 4.90 -4.42
CA PRO A 57 -15.45 3.66 -4.64
C PRO A 57 -14.46 3.79 -5.79
N LYS A 58 -13.26 3.28 -5.56
CA LYS A 58 -12.22 3.24 -6.57
C LYS A 58 -11.47 1.92 -6.45
N VAL A 59 -10.62 1.65 -7.42
CA VAL A 59 -9.70 0.53 -7.35
C VAL A 59 -8.28 1.08 -7.35
N LYS A 60 -7.46 0.56 -6.44
CA LYS A 60 -6.04 0.83 -6.44
C LYS A 60 -5.30 -0.28 -7.16
N VAL A 61 -4.58 0.09 -8.21
CA VAL A 61 -3.75 -0.85 -8.95
C VAL A 61 -2.29 -0.58 -8.61
N GLU A 62 -1.53 -1.64 -8.36
CA GLU A 62 -0.12 -1.50 -8.01
C GLU A 62 0.68 -2.45 -8.89
N VAL A 63 1.65 -1.88 -9.62
CA VAL A 63 2.47 -2.65 -10.53
C VAL A 63 3.93 -2.35 -10.23
N ALA A 64 4.69 -3.38 -9.89
CA ALA A 64 6.12 -3.24 -9.68
C ALA A 64 6.82 -3.49 -11.00
N VAL A 65 7.64 -2.53 -11.41
CA VAL A 65 8.27 -2.55 -12.72
C VAL A 65 9.71 -2.04 -12.65
N SER A 66 10.49 -2.35 -13.66
CA SER A 66 11.88 -1.92 -13.70
C SER A 66 11.97 -0.49 -14.21
N ASP A 67 13.13 0.14 -14.00
CA ASP A 67 13.28 1.55 -14.37
C ASP A 67 13.11 1.76 -15.87
N ASP A 68 13.46 0.75 -16.67
CA ASP A 68 13.41 0.92 -18.12
C ASP A 68 12.02 0.64 -18.69
N GLN A 69 11.06 0.33 -17.82
CA GLN A 69 9.72 0.05 -18.29
C GLN A 69 8.63 0.89 -17.61
N TYR A 70 8.98 1.64 -16.57
CA TYR A 70 7.93 2.30 -15.81
C TYR A 70 7.25 3.43 -16.59
N GLU A 71 7.99 4.11 -17.46
CA GLU A 71 7.37 5.18 -18.24
C GLU A 71 6.32 4.62 -19.21
N GLN A 72 6.61 3.47 -19.81
CA GLN A 72 5.65 2.82 -20.70
C GLN A 72 4.42 2.39 -19.90
N VAL A 73 4.65 1.92 -18.69
CA VAL A 73 3.56 1.47 -17.83
C VAL A 73 2.67 2.64 -17.41
N VAL A 74 3.28 3.74 -17.00
CA VAL A 74 2.52 4.93 -16.63
C VAL A 74 1.66 5.41 -17.80
N GLU A 75 2.25 5.48 -18.98
CA GLU A 75 1.53 5.94 -20.16
C GLU A 75 0.38 4.99 -20.51
N ALA A 76 0.61 3.70 -20.37
CA ALA A 76 -0.41 2.70 -20.72
C ALA A 76 -1.61 2.81 -19.77
N ILE A 77 -1.34 3.02 -18.49
CA ILE A 77 -2.41 3.19 -17.51
C ILE A 77 -3.17 4.48 -17.76
N GLN A 78 -2.43 5.55 -18.04
CA GLN A 78 -3.01 6.86 -18.27
C GLN A 78 -4.01 6.80 -19.42
N LYS A 79 -3.62 6.15 -20.53
CA LYS A 79 -4.49 6.05 -21.70
C LYS A 79 -5.67 5.11 -21.46
N ALA A 80 -5.40 3.99 -20.78
CA ALA A 80 -6.41 2.98 -20.54
C ALA A 80 -7.47 3.41 -19.53
N ALA A 81 -7.09 4.24 -18.57
CA ALA A 81 -7.99 4.60 -17.47
C ALA A 81 -8.73 5.90 -17.75
N ASN A 82 -8.31 6.62 -18.79
CA ASN A 82 -8.89 7.92 -19.09
C ASN A 82 -10.26 7.79 -19.76
N THR A 83 -11.16 8.73 -19.43
CA THR A 83 -12.44 8.88 -20.11
C THR A 83 -12.70 10.34 -20.44
N GLY A 84 -11.91 11.24 -19.87
CA GLY A 84 -12.10 12.67 -20.08
C GLY A 84 -13.05 13.28 -19.08
N ARG A 85 -13.55 12.47 -18.14
CA ARG A 85 -14.47 12.94 -17.12
C ARG A 85 -13.76 13.03 -15.77
N ILE A 86 -14.24 13.92 -14.90
CA ILE A 86 -13.65 14.06 -13.57
C ILE A 86 -13.66 12.72 -12.86
N GLY A 87 -12.63 12.46 -12.06
CA GLY A 87 -12.56 11.25 -11.27
C GLY A 87 -11.79 10.13 -11.93
N ASP A 88 -11.23 10.40 -13.10
CA ASP A 88 -10.48 9.39 -13.86
C ASP A 88 -9.32 8.80 -13.08
N GLY A 89 -8.74 9.58 -12.18
CA GLY A 89 -7.79 9.04 -11.23
C GLY A 89 -6.44 9.71 -11.19
N LYS A 90 -5.54 9.07 -10.46
CA LYS A 90 -4.21 9.57 -10.23
C LYS A 90 -3.24 8.41 -10.35
N ILE A 91 -2.04 8.70 -10.84
CA ILE A 91 -0.95 7.74 -10.83
C ILE A 91 0.16 8.33 -9.95
N PHE A 92 0.59 7.56 -8.96
CA PHE A 92 1.71 7.94 -8.12
C PHE A 92 2.79 6.90 -8.26
N VAL A 93 4.01 7.33 -8.56
CA VAL A 93 5.12 6.41 -8.73
C VAL A 93 6.02 6.49 -7.52
N LEU A 94 6.22 5.35 -6.86
CA LEU A 94 7.12 5.23 -5.73
CA LEU A 94 7.14 5.27 -5.75
C LEU A 94 8.32 4.40 -6.14
N ASP A 95 9.42 4.50 -5.39
CA ASP A 95 10.61 3.71 -5.67
C ASP A 95 10.60 2.40 -4.88
N ILE A 96 11.08 1.34 -5.52
CA ILE A 96 11.30 0.06 -4.85
C ILE A 96 12.79 -0.18 -4.73
N ALA A 97 13.25 -0.37 -3.49
CA ALA A 97 14.67 -0.60 -3.19
C ALA A 97 15.11 -2.02 -3.51
N GLN A 98 14.24 -2.98 -3.24
CA GLN A 98 14.56 -4.39 -3.42
C GLN A 98 13.30 -5.21 -3.65
N ALA A 99 13.44 -6.32 -4.37
CA ALA A 99 12.32 -7.22 -4.61
C ALA A 99 12.80 -8.66 -4.56
N VAL A 100 11.90 -9.57 -4.17
CA VAL A 100 12.24 -10.98 -4.13
C VAL A 100 11.03 -11.81 -4.55
N ARG A 101 11.24 -12.75 -5.48
CA ARG A 101 10.24 -13.78 -5.77
C ARG A 101 10.43 -14.90 -4.76
N ILE A 102 9.42 -15.16 -3.94
CA ILE A 102 9.56 -16.05 -2.79
C ILE A 102 9.93 -17.49 -3.15
N ARG A 103 9.34 -18.03 -4.20
CA ARG A 103 9.57 -19.42 -4.56
C ARG A 103 10.99 -19.70 -5.02
N THR A 104 11.59 -18.75 -5.72
CA THR A 104 12.85 -18.98 -6.42
C THR A 104 14.04 -18.23 -5.79
N GLY A 105 13.74 -17.21 -5.01
CA GLY A 105 14.77 -16.40 -4.40
C GLY A 105 15.37 -15.38 -5.36
N GLU A 106 14.83 -15.29 -6.57
CA GLU A 106 15.29 -14.30 -7.53
C GLU A 106 15.03 -12.89 -7.02
N THR A 107 15.93 -11.97 -7.31
CA THR A 107 15.87 -10.66 -6.68
C THR A 107 15.79 -9.53 -7.70
N ASN A 108 15.27 -8.40 -7.22
CA ASN A 108 15.21 -7.16 -7.96
C ASN A 108 14.57 -7.29 -9.33
N THR A 109 15.23 -6.89 -10.41
CA THR A 109 14.53 -6.83 -11.69
C THR A 109 14.12 -8.23 -12.18
N GLU A 110 14.84 -9.26 -11.73
CA GLU A 110 14.49 -10.63 -12.09
C GLU A 110 13.24 -11.11 -11.36
N ALA A 111 12.90 -10.43 -10.27
CA ALA A 111 11.78 -10.85 -9.43
C ALA A 111 10.44 -10.30 -9.92
N LEU A 112 10.46 -9.27 -10.75
CA LEU A 112 9.25 -8.52 -11.06
C LEU A 112 8.33 -9.25 -12.02
N MET B 1 15.14 3.71 6.80
CA MET B 1 13.91 3.03 7.27
C MET B 1 13.22 2.40 6.09
N LYS B 2 12.59 1.24 6.33
CA LYS B 2 12.08 0.42 5.25
C LYS B 2 10.65 -0.02 5.52
N LEU B 3 9.86 -0.04 4.45
CA LEU B 3 8.56 -0.66 4.47
C LEU B 3 8.66 -1.94 3.65
N VAL B 4 8.64 -3.08 4.32
CA VAL B 4 8.65 -4.36 3.62
C VAL B 4 7.22 -4.78 3.33
N MET B 5 6.92 -4.94 2.05
CA MET B 5 5.59 -5.30 1.63
CA MET B 5 5.58 -5.29 1.60
C MET B 5 5.62 -6.67 0.96
N ALA B 6 4.78 -7.58 1.44
CA ALA B 6 4.74 -8.90 0.86
C ALA B 6 3.33 -9.28 0.48
N ILE B 7 3.18 -9.88 -0.70
CA ILE B 7 1.90 -10.42 -1.14
C ILE B 7 1.98 -11.94 -1.03
N ILE B 8 1.14 -12.52 -0.16
CA ILE B 8 1.22 -13.93 0.16
C ILE B 8 -0.14 -14.60 0.03
N LYS B 9 -0.15 -15.93 -0.01
CA LYS B 9 -1.39 -16.69 0.03
C LYS B 9 -2.06 -16.46 1.36
N PRO B 10 -3.39 -16.28 1.36
CA PRO B 10 -4.09 -15.91 2.60
C PRO B 10 -3.85 -16.87 3.76
N PHE B 11 -3.76 -18.16 3.49
CA PHE B 11 -3.63 -19.14 4.57
C PHE B 11 -2.27 -19.09 5.26
N LYS B 12 -1.33 -18.37 4.68
CA LYS B 12 0.03 -18.27 5.22
C LYS B 12 0.22 -17.10 6.19
N LEU B 13 -0.82 -16.29 6.38
CA LEU B 13 -0.68 -15.10 7.22
C LEU B 13 -0.19 -15.45 8.62
N ASP B 14 -0.77 -16.46 9.25
CA ASP B 14 -0.41 -16.80 10.62
C ASP B 14 1.07 -17.17 10.75
N GLU B 15 1.56 -18.01 9.85
CA GLU B 15 2.95 -18.45 9.90
C GLU B 15 3.90 -17.28 9.67
N VAL B 16 3.56 -16.42 8.71
CA VAL B 16 4.38 -15.26 8.43
C VAL B 16 4.40 -14.33 9.66
N ARG B 17 3.24 -14.13 10.27
CA ARG B 17 3.15 -13.27 11.44
C ARG B 17 4.02 -13.83 12.56
N GLU B 18 3.91 -15.14 12.78
CA GLU B 18 4.68 -15.82 13.81
C GLU B 18 6.17 -15.62 13.60
N ALA B 19 6.60 -15.74 12.34
CA ALA B 19 8.01 -15.64 12.01
C ALA B 19 8.54 -14.24 12.29
N LEU B 20 7.72 -13.24 12.00
CA LEU B 20 8.10 -11.85 12.24
C LEU B 20 8.11 -11.51 13.73
N THR B 21 7.16 -12.08 14.46
CA THR B 21 7.07 -11.85 15.90
C THR B 21 8.34 -12.33 16.59
N SER B 22 8.88 -13.45 16.11
CA SER B 22 10.11 -14.01 16.67
C SER B 22 11.28 -13.04 16.52
N LEU B 23 11.27 -12.26 15.45
CA LEU B 23 12.33 -11.30 15.18
C LEU B 23 12.20 -10.05 16.05
N GLY B 24 11.01 -9.84 16.60
CA GLY B 24 10.75 -8.69 17.45
C GLY B 24 10.21 -7.48 16.71
N ILE B 25 9.55 -7.69 15.57
CA ILE B 25 8.95 -6.56 14.86
C ILE B 25 7.96 -5.86 15.77
N GLN B 26 7.84 -4.54 15.61
CA GLN B 26 7.06 -3.73 16.54
C GLN B 26 5.69 -3.35 15.99
N GLY B 27 5.30 -3.98 14.88
CA GLY B 27 4.01 -3.67 14.28
C GLY B 27 3.85 -4.30 12.91
N LEU B 28 2.62 -4.33 12.44
CA LEU B 28 2.27 -5.03 11.21
C LEU B 28 0.91 -4.55 10.71
N THR B 29 0.81 -4.36 9.40
CA THR B 29 -0.47 -3.99 8.79
C THR B 29 -0.78 -4.98 7.67
N VAL B 30 -2.01 -5.46 7.63
CA VAL B 30 -2.41 -6.42 6.61
C VAL B 30 -3.69 -5.96 5.91
N SER B 31 -3.79 -6.25 4.63
CA SER B 31 -4.96 -5.88 3.86
C SER B 31 -5.33 -6.96 2.86
N GLU B 32 -6.58 -6.95 2.44
CA GLU B 32 -7.08 -7.90 1.46
C GLU B 32 -6.88 -7.33 0.07
N VAL B 33 -6.26 -8.11 -0.79
CA VAL B 33 -6.03 -7.68 -2.17
C VAL B 33 -6.32 -8.84 -3.09
N LYS B 34 -6.22 -8.60 -4.38
CA LYS B 34 -6.29 -9.66 -5.37
C LYS B 34 -5.11 -9.43 -6.29
N GLY B 35 -4.67 -10.45 -6.99
CA GLY B 35 -3.56 -10.27 -7.90
C GLY B 35 -3.30 -11.44 -8.82
N PHE B 36 -2.35 -11.24 -9.71
CA PHE B 36 -1.78 -12.34 -10.45
C PHE B 36 -0.29 -12.08 -10.62
N GLY B 37 0.45 -13.15 -10.90
CA GLY B 37 1.85 -13.07 -11.24
C GLY B 37 2.05 -13.56 -12.66
N ARG B 38 3.20 -14.18 -12.92
CA ARG B 38 3.55 -14.52 -14.29
C ARG B 38 2.73 -15.69 -14.87
N GLN B 39 1.98 -16.39 -14.03
CA GLN B 39 1.05 -17.42 -14.53
C GLN B 39 -0.35 -16.85 -14.77
N LYS B 40 -0.51 -15.55 -14.57
CA LYS B 40 -1.72 -14.83 -14.96
C LYS B 40 -2.97 -15.36 -14.25
N GLY B 41 -2.80 -15.87 -13.05
CA GLY B 41 -3.93 -16.32 -12.24
C GLY B 41 -4.53 -17.63 -12.71
N GLN B 42 -3.83 -18.33 -13.60
CA GLN B 42 -4.32 -19.59 -14.17
C GLN B 42 -4.24 -20.72 -13.14
N THR B 43 -5.39 -21.35 -12.89
CA THR B 43 -5.45 -22.52 -12.01
C THR B 43 -6.10 -23.71 -12.70
N GLU B 44 -6.58 -23.53 -13.93
CA GLU B 44 -7.24 -24.59 -14.67
C GLU B 44 -6.42 -24.94 -15.92
N ILE B 45 -6.70 -26.09 -16.52
CA ILE B 45 -5.90 -26.57 -17.63
C ILE B 45 -6.73 -26.81 -18.90
N TYR B 46 -7.91 -26.22 -18.96
CA TYR B 46 -8.73 -26.32 -20.16
C TYR B 46 -8.02 -25.64 -21.34
N ARG B 47 -8.38 -26.04 -22.55
CA ARG B 47 -7.74 -25.51 -23.74
C ARG B 47 -7.94 -24.00 -23.85
N GLY B 48 -6.84 -23.27 -24.04
CA GLY B 48 -6.89 -21.83 -24.15
C GLY B 48 -6.76 -21.10 -22.83
N ALA B 49 -6.63 -21.85 -21.73
CA ALA B 49 -6.55 -21.25 -20.40
C ALA B 49 -5.38 -20.28 -20.25
N GLU B 50 -4.28 -20.51 -20.98
CA GLU B 50 -3.11 -19.64 -20.84
C GLU B 50 -3.32 -18.26 -21.48
N TYR B 51 -4.42 -18.11 -22.21
CA TYR B 51 -4.76 -16.84 -22.81
C TYR B 51 -5.69 -16.02 -21.90
N SER B 52 -6.10 -16.62 -20.79
CA SER B 52 -6.97 -15.97 -19.83
C SER B 52 -6.15 -15.31 -18.73
N VAL B 53 -6.74 -14.32 -18.08
CA VAL B 53 -6.13 -13.68 -16.91
C VAL B 53 -7.15 -13.56 -15.78
N SER B 54 -6.77 -14.07 -14.61
CA SER B 54 -7.67 -14.06 -13.45
C SER B 54 -7.00 -13.40 -12.24
N PHE B 55 -7.80 -12.72 -11.44
CA PHE B 55 -7.35 -12.17 -10.15
C PHE B 55 -7.65 -13.17 -9.04
N LEU B 56 -6.63 -13.46 -8.22
CA LEU B 56 -6.78 -14.41 -7.11
C LEU B 56 -6.66 -13.68 -5.77
N PRO B 57 -7.39 -14.15 -4.76
CA PRO B 57 -7.31 -13.52 -3.43
C PRO B 57 -5.92 -13.67 -2.80
N LYS B 58 -5.41 -12.57 -2.27
CA LYS B 58 -4.11 -12.59 -1.59
C LYS B 58 -4.21 -11.70 -0.36
N VAL B 59 -3.20 -11.75 0.47
CA VAL B 59 -3.07 -10.83 1.59
C VAL B 59 -1.79 -10.03 1.41
N LYS B 60 -1.88 -8.72 1.60
CA LYS B 60 -0.72 -7.87 1.59
C LYS B 60 -0.29 -7.57 3.02
N VAL B 61 0.96 -7.88 3.32
CA VAL B 61 1.54 -7.66 4.63
C VAL B 61 2.52 -6.50 4.50
N GLU B 62 2.43 -5.53 5.39
CA GLU B 62 3.34 -4.38 5.40
C GLU B 62 3.98 -4.25 6.76
N VAL B 63 5.31 -4.25 6.81
CA VAL B 63 6.02 -4.09 8.06
CA VAL B 63 6.06 -4.12 8.05
C VAL B 63 7.07 -2.99 7.93
N ALA B 64 6.95 -1.98 8.78
CA ALA B 64 7.92 -0.89 8.84
C ALA B 64 9.00 -1.28 9.83
N VAL B 65 10.25 -1.24 9.38
CA VAL B 65 11.38 -1.73 10.16
C VAL B 65 12.62 -0.91 9.84
N SER B 66 13.60 -0.96 10.74
CA SER B 66 14.85 -0.23 10.54
C SER B 66 15.72 -0.86 9.46
N ASP B 67 16.69 -0.08 8.98
CA ASP B 67 17.60 -0.56 7.95
C ASP B 67 18.40 -1.78 8.41
N ASP B 68 18.74 -1.85 9.70
CA ASP B 68 19.56 -2.97 10.17
C ASP B 68 18.74 -4.20 10.53
N GLN B 69 17.43 -4.15 10.26
CA GLN B 69 16.57 -5.29 10.52
C GLN B 69 15.81 -5.79 9.27
N TYR B 70 15.78 -4.98 8.22
CA TYR B 70 14.88 -5.28 7.11
C TYR B 70 15.27 -6.55 6.35
N GLU B 71 16.57 -6.83 6.26
CA GLU B 71 17.02 -8.00 5.53
C GLU B 71 16.58 -9.28 6.22
N GLN B 72 16.62 -9.27 7.55
CA GLN B 72 16.18 -10.44 8.31
C GLN B 72 14.67 -10.61 8.20
N VAL B 73 13.94 -9.50 8.10
CA VAL B 73 12.50 -9.53 7.92
C VAL B 73 12.15 -10.13 6.55
N VAL B 74 12.85 -9.70 5.51
CA VAL B 74 12.63 -10.25 4.19
C VAL B 74 12.89 -11.75 4.18
N GLU B 75 13.99 -12.17 4.80
CA GLU B 75 14.35 -13.58 4.84
C GLU B 75 13.32 -14.40 5.63
N ALA B 76 12.80 -13.84 6.71
CA ALA B 76 11.82 -14.53 7.53
C ALA B 76 10.54 -14.78 6.75
N ILE B 77 10.11 -13.78 5.98
CA ILE B 77 8.89 -13.90 5.20
C ILE B 77 9.08 -14.95 4.11
N GLN B 78 10.23 -14.90 3.44
CA GLN B 78 10.58 -15.91 2.42
C GLN B 78 10.48 -17.31 3.00
N LYS B 79 11.12 -17.51 4.15
CA LYS B 79 11.21 -18.84 4.75
C LYS B 79 9.85 -19.35 5.21
N ALA B 80 9.02 -18.44 5.70
CA ALA B 80 7.70 -18.81 6.19
C ALA B 80 6.74 -19.14 5.05
N ALA B 81 6.83 -18.38 3.96
CA ALA B 81 5.83 -18.47 2.89
C ALA B 81 6.21 -19.48 1.81
N ASN B 82 7.50 -19.77 1.67
CA ASN B 82 7.94 -20.62 0.57
C ASN B 82 7.61 -22.09 0.80
N THR B 83 6.74 -22.63 -0.05
CA THR B 83 6.44 -24.05 -0.07
C THR B 83 6.84 -24.69 -1.41
N GLY B 84 7.51 -23.91 -2.25
CA GLY B 84 7.97 -24.39 -3.53
C GLY B 84 6.88 -24.44 -4.60
N ARG B 85 5.81 -23.68 -4.38
CA ARG B 85 4.67 -23.70 -5.28
C ARG B 85 4.43 -22.32 -5.91
N ILE B 86 3.93 -22.30 -7.14
CA ILE B 86 3.63 -21.04 -7.78
C ILE B 86 2.64 -20.26 -6.94
N GLY B 87 2.81 -18.95 -6.90
CA GLY B 87 1.90 -18.09 -6.16
C GLY B 87 2.32 -17.89 -4.71
N ASP B 88 3.44 -18.49 -4.32
CA ASP B 88 3.89 -18.42 -2.93
C ASP B 88 4.27 -17.01 -2.49
N GLY B 89 4.48 -16.10 -3.43
CA GLY B 89 4.48 -14.69 -3.10
C GLY B 89 5.63 -13.86 -3.64
N LYS B 90 5.52 -12.57 -3.38
CA LYS B 90 6.55 -11.64 -3.81
C LYS B 90 6.69 -10.56 -2.76
N ILE B 91 7.92 -10.08 -2.59
CA ILE B 91 8.24 -9.10 -1.56
C ILE B 91 8.83 -7.87 -2.23
N PHE B 92 8.32 -6.69 -1.84
CA PHE B 92 8.86 -5.43 -2.35
C PHE B 92 9.26 -4.59 -1.15
N VAL B 93 10.45 -4.03 -1.19
CA VAL B 93 10.93 -3.20 -0.11
C VAL B 93 10.96 -1.75 -0.56
N LEU B 94 10.27 -0.88 0.18
CA LEU B 94 10.26 0.54 -0.12
C LEU B 94 10.92 1.31 1.00
N ASP B 95 11.34 2.53 0.72
CA ASP B 95 11.93 3.38 1.76
C ASP B 95 10.88 4.23 2.41
N ILE B 96 11.04 4.44 3.71
CA ILE B 96 10.21 5.35 4.48
C ILE B 96 11.03 6.58 4.80
N ALA B 97 10.52 7.74 4.38
CA ALA B 97 11.19 9.01 4.62
C ALA B 97 11.06 9.48 6.07
N GLN B 98 9.87 9.30 6.64
CA GLN B 98 9.59 9.75 8.00
C GLN B 98 8.53 8.87 8.64
N ALA B 99 8.55 8.78 9.96
CA ALA B 99 7.52 8.06 10.70
C ALA B 99 7.18 8.84 11.96
N VAL B 100 5.93 8.73 12.39
CA VAL B 100 5.47 9.40 13.60
C VAL B 100 4.48 8.53 14.35
N ARG B 101 4.75 8.31 15.63
CA ARG B 101 3.77 7.67 16.51
C ARG B 101 2.84 8.78 16.99
N ILE B 102 1.57 8.68 16.64
CA ILE B 102 0.63 9.77 16.85
C ILE B 102 0.49 10.18 18.33
N ARG B 103 0.41 9.19 19.21
CA ARG B 103 0.13 9.45 20.63
C ARG B 103 1.28 10.15 21.35
N THR B 104 2.50 9.93 20.89
CA THR B 104 3.68 10.35 21.65
C THR B 104 4.52 11.40 20.92
N GLY B 105 4.34 11.49 19.60
CA GLY B 105 5.15 12.37 18.79
C GLY B 105 6.55 11.84 18.52
N GLU B 106 6.83 10.62 18.96
CA GLU B 106 8.12 9.99 18.66
C GLU B 106 8.25 9.80 17.16
N THR B 107 9.46 9.96 16.63
CA THR B 107 9.65 10.00 15.19
C THR B 107 10.66 9.00 14.70
N ASN B 108 10.51 8.66 13.42
CA ASN B 108 11.46 7.85 12.68
C ASN B 108 11.83 6.54 13.37
N THR B 109 13.11 6.30 13.65
CA THR B 109 13.49 4.97 14.09
C THR B 109 12.84 4.61 15.44
N GLU B 110 12.54 5.62 16.23
CA GLU B 110 11.85 5.41 17.50
C GLU B 110 10.40 5.00 17.28
N ALA B 111 9.83 5.41 16.15
CA ALA B 111 8.40 5.27 15.93
C ALA B 111 8.01 3.94 15.30
N LEU B 112 8.98 3.18 14.80
CA LEU B 112 8.65 1.97 14.07
C LEU B 112 8.17 0.87 15.03
N MET C 1 7.97 15.23 -3.61
CA MET C 1 6.53 14.95 -3.31
C MET C 1 6.46 13.81 -2.31
N LYS C 2 5.37 13.76 -1.55
CA LYS C 2 5.28 12.85 -0.41
C LYS C 2 3.93 12.17 -0.37
N LEU C 3 3.95 10.88 -0.06
CA LEU C 3 2.72 10.17 0.26
C LEU C 3 2.64 10.03 1.78
N VAL C 4 1.67 10.69 2.40
CA VAL C 4 1.44 10.57 3.83
C VAL C 4 0.44 9.45 4.05
N MET C 5 0.87 8.44 4.77
CA MET C 5 0.06 7.25 5.04
CA MET C 5 0.05 7.26 5.04
C MET C 5 -0.18 7.14 6.54
N ALA C 6 -1.42 7.30 6.96
CA ALA C 6 -1.75 7.21 8.38
C ALA C 6 -2.67 6.03 8.63
N ILE C 7 -2.36 5.26 9.66
CA ILE C 7 -3.20 4.15 10.07
C ILE C 7 -3.87 4.54 11.38
N ILE C 8 -5.19 4.68 11.35
CA ILE C 8 -5.94 5.25 12.46
C ILE C 8 -7.11 4.37 12.87
N LYS C 9 -7.67 4.62 14.05
CA LYS C 9 -8.87 3.93 14.48
C LYS C 9 -10.03 4.30 13.57
N PRO C 10 -10.83 3.31 13.19
CA PRO C 10 -11.90 3.56 12.21
C PRO C 10 -12.83 4.71 12.58
N PHE C 11 -13.19 4.86 13.85
CA PHE C 11 -14.17 5.86 14.24
C PHE C 11 -13.65 7.29 14.07
N LYS C 12 -12.34 7.43 13.93
CA LYS C 12 -11.71 8.74 13.74
C LYS C 12 -11.65 9.20 12.28
N LEU C 13 -12.09 8.36 11.34
CA LEU C 13 -11.98 8.73 9.93
C LEU C 13 -12.63 10.07 9.62
N ASP C 14 -13.85 10.30 10.10
CA ASP C 14 -14.57 11.52 9.77
C ASP C 14 -13.89 12.77 10.33
N GLU C 15 -13.39 12.68 11.55
CA GLU C 15 -12.74 13.83 12.17
C GLU C 15 -11.41 14.15 11.48
N VAL C 16 -10.68 13.12 11.10
CA VAL C 16 -9.43 13.30 10.39
C VAL C 16 -9.70 13.87 8.99
N ARG C 17 -10.71 13.33 8.32
CA ARG C 17 -11.09 13.82 7.01
C ARG C 17 -11.40 15.31 7.08
N GLU C 18 -12.23 15.70 8.05
CA GLU C 18 -12.65 17.09 8.17
C GLU C 18 -11.48 18.00 8.50
N ALA C 19 -10.57 17.52 9.33
CA ALA C 19 -9.38 18.30 9.68
C ALA C 19 -8.57 18.58 8.41
N LEU C 20 -8.44 17.57 7.56
CA LEU C 20 -7.63 17.71 6.36
C LEU C 20 -8.32 18.56 5.30
N THR C 21 -9.63 18.44 5.16
CA THR C 21 -10.34 19.25 4.18
C THR C 21 -10.31 20.72 4.61
N SER C 22 -10.43 20.97 5.91
CA SER C 22 -10.34 22.33 6.44
C SER C 22 -8.95 22.91 6.22
N LEU C 23 -7.94 22.05 6.31
CA LEU C 23 -6.55 22.46 6.04
C LEU C 23 -6.41 22.79 4.56
N GLY C 24 -7.16 22.08 3.72
CA GLY C 24 -7.21 22.37 2.30
C GLY C 24 -6.69 21.29 1.37
N ILE C 25 -6.61 20.04 1.83
CA ILE C 25 -6.14 18.97 0.97
C ILE C 25 -7.08 18.84 -0.23
N GLN C 26 -6.55 18.41 -1.37
CA GLN C 26 -7.33 18.33 -2.59
C GLN C 26 -7.47 16.90 -3.06
N GLY C 27 -7.23 15.95 -2.16
CA GLY C 27 -7.35 14.55 -2.50
C GLY C 27 -7.06 13.65 -1.32
N LEU C 28 -7.67 12.48 -1.32
CA LEU C 28 -7.52 11.54 -0.22
CA LEU C 28 -7.56 11.54 -0.20
C LEU C 28 -8.03 10.15 -0.61
N THR C 29 -7.26 9.13 -0.26
CA THR C 29 -7.65 7.75 -0.51
C THR C 29 -7.67 6.99 0.82
N VAL C 30 -8.71 6.19 1.04
CA VAL C 30 -8.83 5.41 2.26
C VAL C 30 -9.10 3.94 1.98
N SER C 31 -8.56 3.08 2.83
CA SER C 31 -8.81 1.66 2.71
C SER C 31 -8.94 0.98 4.08
N GLU C 32 -9.56 -0.19 4.08
CA GLU C 32 -9.70 -0.97 5.29
C GLU C 32 -8.50 -1.88 5.44
N VAL C 33 -7.93 -1.89 6.64
CA VAL C 33 -6.83 -2.79 6.94
C VAL C 33 -7.04 -3.37 8.33
N LYS C 34 -6.17 -4.29 8.72
CA LYS C 34 -6.09 -4.74 10.11
C LYS C 34 -4.63 -4.62 10.51
N GLY C 35 -4.35 -4.57 11.80
CA GLY C 35 -2.98 -4.46 12.22
C GLY C 35 -2.78 -4.52 13.71
N PHE C 36 -1.51 -4.52 14.10
CA PHE C 36 -1.14 -4.28 15.47
C PHE C 36 0.11 -3.40 15.54
N GLY C 37 0.33 -2.81 16.70
CA GLY C 37 1.52 -2.03 16.98
C GLY C 37 2.35 -2.69 18.06
N ARG C 38 3.00 -1.88 18.89
CA ARG C 38 3.95 -2.44 19.85
C ARG C 38 3.26 -3.14 21.03
N GLN C 39 1.93 -3.04 21.13
CA GLN C 39 1.18 -3.77 22.14
C GLN C 39 0.59 -5.07 21.59
N LYS C 40 0.87 -5.36 20.32
CA LYS C 40 0.51 -6.66 19.72
C LYS C 40 -0.98 -6.93 19.72
N GLY C 41 -1.78 -5.88 19.59
CA GLY C 41 -3.22 -6.01 19.47
C GLY C 41 -3.94 -6.28 20.79
N GLN C 42 -3.20 -6.22 21.89
CA GLN C 42 -3.77 -6.49 23.21
C GLN C 42 -4.78 -5.42 23.62
N THR C 43 -5.99 -5.87 23.94
CA THR C 43 -7.04 -4.99 24.43
C THR C 43 -7.63 -5.51 25.74
N GLU C 44 -7.15 -6.67 26.18
CA GLU C 44 -7.62 -7.28 27.42
C GLU C 44 -6.49 -7.32 28.43
N ILE C 45 -6.83 -7.47 29.71
CA ILE C 45 -5.83 -7.36 30.77
C ILE C 45 -5.79 -8.59 31.68
N TYR C 46 -6.40 -9.68 31.25
CA TYR C 46 -6.36 -10.91 32.04
C TYR C 46 -4.93 -11.41 32.11
N ARG C 47 -4.65 -12.27 33.09
CA ARG C 47 -3.29 -12.77 33.30
C ARG C 47 -2.82 -13.57 32.09
N GLY C 48 -1.71 -13.14 31.50
CA GLY C 48 -1.13 -13.83 30.37
C GLY C 48 -1.51 -13.23 29.02
N ALA C 49 -2.46 -12.30 29.02
CA ALA C 49 -2.91 -11.67 27.80
C ALA C 49 -1.76 -10.95 27.08
N GLU C 50 -0.70 -10.63 27.81
CA GLU C 50 0.42 -9.89 27.27
C GLU C 50 1.28 -10.75 26.34
N TYR C 51 0.96 -12.02 26.24
CA TYR C 51 1.72 -12.94 25.40
C TYR C 51 1.00 -13.25 24.09
N SER C 52 -0.17 -12.65 23.90
CA SER C 52 -0.99 -12.93 22.73
C SER C 52 -0.81 -11.85 21.66
N VAL C 53 -1.11 -12.20 20.41
CA VAL C 53 -1.03 -11.25 19.30
C VAL C 53 -2.34 -11.26 18.50
N SER C 54 -2.92 -10.08 18.31
CA SER C 54 -4.20 -9.96 17.61
C SER C 54 -4.15 -8.84 16.58
N PHE C 55 -4.95 -9.00 15.53
CA PHE C 55 -5.13 -7.96 14.53
C PHE C 55 -6.40 -7.17 14.84
N LEU C 56 -6.29 -5.85 14.80
CA LEU C 56 -7.44 -4.98 15.06
C LEU C 56 -7.79 -4.21 13.79
N PRO C 57 -9.09 -3.95 13.58
CA PRO C 57 -9.47 -3.17 12.40
C PRO C 57 -8.95 -1.74 12.47
N LYS C 58 -8.45 -1.24 11.34
CA LYS C 58 -7.96 0.12 11.21
C LYS C 58 -8.37 0.66 9.86
N VAL C 59 -8.22 1.96 9.69
CA VAL C 59 -8.36 2.58 8.37
C VAL C 59 -7.01 3.17 7.98
N LYS C 60 -6.62 2.94 6.73
CA LYS C 60 -5.42 3.54 6.17
C LYS C 60 -5.80 4.74 5.32
N VAL C 61 -5.27 5.89 5.69
CA VAL C 61 -5.53 7.14 5.00
C VAL C 61 -4.27 7.52 4.22
N GLU C 62 -4.42 7.83 2.95
CA GLU C 62 -3.28 8.18 2.10
C GLU C 62 -3.51 9.51 1.41
N VAL C 63 -2.58 10.44 1.60
CA VAL C 63 -2.66 11.77 1.00
C VAL C 63 -1.36 12.09 0.30
N ALA C 64 -1.41 12.29 -1.01
CA ALA C 64 -0.25 12.73 -1.77
C ALA C 64 -0.21 14.25 -1.74
N VAL C 65 0.93 14.79 -1.34
CA VAL C 65 1.08 16.23 -1.12
CA VAL C 65 1.07 16.23 -1.16
C VAL C 65 2.49 16.67 -1.48
N SER C 66 2.68 17.96 -1.68
CA SER C 66 4.01 18.50 -1.99
C SER C 66 4.91 18.55 -0.75
N ASP C 67 6.21 18.66 -1.00
CA ASP C 67 7.21 18.71 0.07
C ASP C 67 6.93 19.82 1.07
N ASP C 68 6.49 20.97 0.59
CA ASP C 68 6.30 22.12 1.46
C ASP C 68 4.97 22.09 2.20
N GLN C 69 4.20 21.01 2.03
CA GLN C 69 2.90 20.90 2.66
C GLN C 69 2.74 19.65 3.53
N TYR C 70 3.66 18.70 3.41
CA TYR C 70 3.43 17.40 4.06
C TYR C 70 3.51 17.48 5.58
N GLU C 71 4.37 18.34 6.11
CA GLU C 71 4.50 18.47 7.56
C GLU C 71 3.19 18.97 8.18
N GLN C 72 2.53 19.90 7.51
CA GLN C 72 1.24 20.41 7.96
C GLN C 72 0.18 19.30 7.94
N VAL C 73 0.24 18.45 6.92
CA VAL C 73 -0.71 17.34 6.82
C VAL C 73 -0.48 16.34 7.95
N VAL C 74 0.79 16.00 8.19
CA VAL C 74 1.13 15.08 9.27
C VAL C 74 0.61 15.59 10.61
N GLU C 75 0.86 16.87 10.90
CA GLU C 75 0.46 17.45 12.17
C GLU C 75 -1.05 17.55 12.32
N ALA C 76 -1.75 17.81 11.21
CA ALA C 76 -3.21 17.89 11.24
C ALA C 76 -3.81 16.53 11.56
N ILE C 77 -3.24 15.48 10.99
CA ILE C 77 -3.70 14.12 11.27
C ILE C 77 -3.43 13.78 12.74
N GLN C 78 -2.24 14.10 13.21
CA GLN C 78 -1.86 13.82 14.58
C GLN C 78 -2.81 14.50 15.57
N LYS C 79 -3.10 15.77 15.33
CA LYS C 79 -3.96 16.54 16.22
C LYS C 79 -5.40 15.98 16.22
N ALA C 80 -5.85 15.51 15.06
CA ALA C 80 -7.22 15.02 14.94
C ALA C 80 -7.38 13.63 15.56
N ALA C 81 -6.33 12.81 15.51
CA ALA C 81 -6.42 11.41 15.92
C ALA C 81 -5.95 11.18 17.35
N ASN C 82 -5.08 12.05 17.85
CA ASN C 82 -4.48 11.84 19.15
C ASN C 82 -5.45 12.10 20.30
N THR C 83 -5.78 11.04 21.03
CA THR C 83 -6.61 11.15 22.22
C THR C 83 -5.86 10.63 23.45
N GLY C 84 -4.56 10.39 23.30
CA GLY C 84 -3.73 9.94 24.40
C GLY C 84 -3.92 8.46 24.74
N ARG C 85 -4.44 7.70 23.80
CA ARG C 85 -4.72 6.28 24.02
C ARG C 85 -3.89 5.43 23.07
N ILE C 86 -3.47 4.25 23.52
CA ILE C 86 -2.72 3.35 22.67
C ILE C 86 -3.56 2.99 21.45
N GLY C 87 -2.90 2.85 20.32
CA GLY C 87 -3.57 2.50 19.09
C GLY C 87 -4.07 3.71 18.32
N ASP C 88 -3.80 4.91 18.84
CA ASP C 88 -4.30 6.13 18.22
C ASP C 88 -3.67 6.40 16.86
N GLY C 89 -2.57 5.71 16.55
CA GLY C 89 -2.14 5.64 15.17
C GLY C 89 -0.66 5.80 14.87
N LYS C 90 -0.33 5.51 13.62
CA LYS C 90 1.04 5.59 13.13
C LYS C 90 1.01 6.25 11.76
N ILE C 91 1.96 7.14 11.50
CA ILE C 91 2.05 7.81 10.22
C ILE C 91 3.38 7.46 9.57
N PHE C 92 3.33 6.99 8.33
CA PHE C 92 4.53 6.76 7.52
C PHE C 92 4.48 7.67 6.31
N VAL C 93 5.61 8.28 5.99
CA VAL C 93 5.69 9.18 4.85
C VAL C 93 6.66 8.58 3.85
N LEU C 94 6.19 8.34 2.63
CA LEU C 94 7.01 7.83 1.55
CA LEU C 94 7.05 7.85 1.56
C LEU C 94 7.22 8.92 0.50
N ASP C 95 8.29 8.81 -0.26
CA ASP C 95 8.54 9.75 -1.34
C ASP C 95 7.80 9.33 -2.60
N ILE C 96 7.26 10.31 -3.31
CA ILE C 96 6.64 10.09 -4.61
C ILE C 96 7.55 10.65 -5.67
N ALA C 97 7.99 9.80 -6.59
CA ALA C 97 8.90 10.19 -7.67
C ALA C 97 8.19 10.96 -8.77
N GLN C 98 6.95 10.57 -9.08
CA GLN C 98 6.20 11.22 -10.13
C GLN C 98 4.71 11.06 -9.86
N ALA C 99 3.92 12.00 -10.35
CA ALA C 99 2.47 11.95 -10.24
C ALA C 99 1.85 12.37 -11.55
N VAL C 100 0.69 11.79 -11.86
CA VAL C 100 -0.06 12.14 -13.06
C VAL C 100 -1.55 12.21 -12.73
N ARG C 101 -2.20 13.29 -13.14
CA ARG C 101 -3.65 13.36 -13.12
C ARG C 101 -4.15 12.76 -14.43
N ILE C 102 -4.91 11.66 -14.33
CA ILE C 102 -5.24 10.86 -15.51
C ILE C 102 -6.10 11.60 -16.54
N ARG C 103 -7.05 12.41 -16.11
CA ARG C 103 -7.94 13.10 -17.04
C ARG C 103 -7.18 14.09 -17.92
N THR C 104 -6.24 14.80 -17.33
CA THR C 104 -5.64 15.97 -17.98
C THR C 104 -4.20 15.77 -18.44
N GLY C 105 -3.53 14.77 -17.86
CA GLY C 105 -2.14 14.52 -18.18
C GLY C 105 -1.18 15.45 -17.43
N GLU C 106 -1.71 16.25 -16.52
CA GLU C 106 -0.86 17.09 -15.67
C GLU C 106 0.06 16.21 -14.81
N THR C 107 1.27 16.69 -14.56
CA THR C 107 2.27 15.89 -13.86
C THR C 107 2.90 16.63 -12.69
N ASN C 108 3.68 15.90 -11.90
CA ASN C 108 4.44 16.49 -10.81
C ASN C 108 3.50 17.14 -9.80
N THR C 109 3.91 18.28 -9.24
CA THR C 109 3.13 18.92 -8.18
C THR C 109 1.79 19.44 -8.71
N GLU C 110 1.70 19.64 -10.02
CA GLU C 110 0.46 20.09 -10.65
C GLU C 110 -0.61 19.00 -10.65
N ALA C 111 -0.20 17.75 -10.43
CA ALA C 111 -1.12 16.61 -10.48
C ALA C 111 -1.73 16.27 -9.11
N LEU C 112 -1.16 16.82 -8.03
CA LEU C 112 -1.57 16.41 -6.70
C LEU C 112 -2.95 16.95 -6.31
#